data_2WLZ
#
_entry.id   2WLZ
#
_cell.length_a   130.643
_cell.length_b   201.272
_cell.length_c   59.273
_cell.angle_alpha   90.00
_cell.angle_beta   90.00
_cell.angle_gamma   90.00
#
_symmetry.space_group_name_H-M   'C 2 2 21'
#
loop_
_entity.id
_entity.type
_entity.pdbx_description
1 polymer 'CHITINASE A'
2 non-polymer '1,4-DIETHYLENE DIOXIDE'
3 non-polymer DI(HYDROXYETHYL)ETHER
4 non-polymer 3AR,5R,6S,7R,7AR-5-HYDROXYMETHYL-2-METHYL-5,6,7,7A-TETRAHYDRO-3AH-PYRANO[3,2-D]THIAZOLE-6,7-DIOL
5 non-polymer 2-acetamido-2-deoxy-beta-D-glucopyranose
6 water water
#
_entity_poly.entity_id   1
_entity_poly.type   'polypeptide(L)'
_entity_poly.pdbx_seq_one_letter_code
;AAPGKPTIAWGNTKFAIVEVDQAATAYNNLVKVKNAADVSVSWNLWNGDTGTTAKILLNGKEAWSGPSTGSSGTANFKVN
KGGRYQMQVALCNADGCTASDATEIVVADTDGSHLAPLKEPLLEKNKPYKQNSGKVVGSYFVEWGVYGRNFTVDKIPAQN
LTHLLYGFIPICGGNGINDSLKEIEGSFQALQRSCQGREDFKVSIHDPFAALQKAQKGVTAWDDPYKGNFGQLMALKQAH
PDLKILPSIGGWTLSDPFFFMGDKVKRDRFVGSVKEFLQTWKFFDGVDIDWEFPGGKGANPNLGSPQDGETYVLLMKELR
AMLDQLSAETGRKYELTSAISAGKDKIDKVAYNVAQNSMDHIFLMSYDFYGAFDLKNLGHQTALNAPAWKPDTAYTTVNG
VNALLTQGVKPGKIVVGTAMYGRGWTGVNGYQNNIPFTGTATGPVKGTWENGIVDYRQIASQFMSGEWQYTYDATAEAPY
VFKPSTGDLITFDDARSVQAKGKYVLDKQLGGLFSWEIDADNGDILNSMNASLGNSAGVQLEHHHHHH
;
_entity_poly.pdbx_strand_id   A
#
loop_
_chem_comp.id
_chem_comp.type
_chem_comp.name
_chem_comp.formula
DIO non-polymer '1,4-DIETHYLENE DIOXIDE' 'C4 H8 O2'
NAG D-saccharide, beta linking 2-acetamido-2-deoxy-beta-D-glucopyranose 'C8 H15 N O6'
NGT non-polymer 3AR,5R,6S,7R,7AR-5-HYDROXYMETHYL-2-METHYL-5,6,7,7A-TETRAHYDRO-3AH-PYRANO[3,2-D]THIAZOLE-6,7-DIOL 'C8 H13 N O4 S'
PEG non-polymer DI(HYDROXYETHYL)ETHER 'C4 H10 O3'
#
# COMPACT_ATOMS: atom_id res chain seq x y z
N ALA A 1 20.57 -17.75 -53.11
CA ALA A 1 19.37 -17.09 -52.50
C ALA A 1 19.39 -17.19 -50.95
N ALA A 2 19.02 -16.09 -50.30
CA ALA A 2 18.82 -16.06 -48.86
C ALA A 2 17.62 -16.96 -48.56
N PRO A 3 17.46 -17.36 -47.28
CA PRO A 3 16.32 -18.21 -46.93
C PRO A 3 14.99 -17.49 -47.17
N GLY A 4 13.89 -18.26 -47.23
CA GLY A 4 12.56 -17.68 -47.34
C GLY A 4 12.21 -16.99 -46.03
N LYS A 5 11.17 -16.16 -46.06
CA LYS A 5 10.77 -15.40 -44.88
C LYS A 5 9.84 -16.24 -43.96
N PRO A 6 10.27 -16.51 -42.72
CA PRO A 6 9.41 -17.36 -41.89
C PRO A 6 8.17 -16.62 -41.34
N THR A 7 7.14 -17.40 -40.98
CA THR A 7 5.91 -16.92 -40.35
C THR A 7 5.92 -17.46 -38.92
N ILE A 8 5.74 -16.58 -37.96
CA ILE A 8 5.65 -16.95 -36.56
C ILE A 8 4.33 -17.73 -36.34
N ALA A 9 4.45 -18.86 -35.66
CA ALA A 9 3.27 -19.63 -35.31
C ALA A 9 2.46 -18.90 -34.20
N TRP A 10 1.13 -18.97 -34.34
CA TRP A 10 0.20 -18.49 -33.30
C TRP A 10 0.44 -19.29 -32.05
N GLY A 11 0.48 -18.63 -30.90
CA GLY A 11 0.72 -19.35 -29.65
C GLY A 11 0.80 -18.32 -28.53
N ASN A 12 1.08 -18.80 -27.33
CA ASN A 12 1.18 -17.86 -26.24
CA ASN A 12 1.26 -17.94 -26.16
C ASN A 12 2.33 -16.90 -26.46
N THR A 13 2.10 -15.64 -26.08
CA THR A 13 3.15 -14.61 -26.22
C THR A 13 3.52 -13.97 -24.87
N LYS A 14 2.86 -14.39 -23.79
CA LYS A 14 3.15 -13.75 -22.50
C LYS A 14 3.78 -14.73 -21.58
N PHE A 15 4.98 -14.43 -21.08
CA PHE A 15 5.71 -15.33 -20.19
C PHE A 15 6.13 -14.53 -18.94
N ALA A 16 6.55 -15.21 -17.88
CA ALA A 16 6.85 -14.52 -16.63
C ALA A 16 8.11 -15.01 -15.96
N ILE A 17 8.88 -14.07 -15.42
CA ILE A 17 10.08 -14.40 -14.65
C ILE A 17 9.65 -14.81 -13.22
N VAL A 18 8.74 -14.02 -12.64
CA VAL A 18 7.99 -14.49 -11.43
C VAL A 18 6.61 -14.98 -11.87
N GLU A 19 6.33 -16.28 -11.73
CA GLU A 19 5.08 -16.81 -12.23
C GLU A 19 4.07 -16.96 -11.12
N VAL A 20 2.81 -16.65 -11.42
CA VAL A 20 1.75 -16.90 -10.47
C VAL A 20 1.01 -18.14 -10.95
N ASP A 21 0.95 -19.16 -10.12
CA ASP A 21 0.20 -20.38 -10.44
C ASP A 21 -1.29 -20.01 -10.29
N GLN A 22 -2.04 -20.23 -11.37
CA GLN A 22 -3.42 -19.81 -11.44
C GLN A 22 -4.38 -20.77 -10.65
N ALA A 23 -3.88 -21.90 -10.16
CA ALA A 23 -4.73 -22.83 -9.37
C ALA A 23 -4.05 -23.25 -8.06
N ALA A 24 -3.83 -22.28 -7.17
CA ALA A 24 -3.13 -22.53 -5.89
C ALA A 24 -3.58 -21.44 -4.96
N THR A 25 -3.81 -21.80 -3.70
CA THR A 25 -4.20 -20.81 -2.69
C THR A 25 -3.14 -20.63 -1.60
N ALA A 26 -2.12 -21.50 -1.55
CA ALA A 26 -1.02 -21.35 -0.58
C ALA A 26 0.02 -20.42 -1.21
N TYR A 27 0.43 -19.39 -0.47
CA TYR A 27 1.43 -18.43 -1.01
C TYR A 27 2.68 -19.16 -1.55
N ASN A 28 3.18 -20.19 -0.85
CA ASN A 28 4.40 -20.89 -1.36
C ASN A 28 4.26 -21.56 -2.74
N ASN A 29 3.04 -22.03 -3.08
CA ASN A 29 2.76 -22.59 -4.42
C ASN A 29 2.30 -21.55 -5.41
N LEU A 30 1.64 -20.51 -4.90
CA LEU A 30 1.14 -19.44 -5.72
C LEU A 30 2.25 -18.71 -6.50
N VAL A 31 3.40 -18.54 -5.85
CA VAL A 31 4.43 -17.66 -6.39
C VAL A 31 5.69 -18.46 -6.64
N LYS A 32 6.07 -18.54 -7.91
CA LYS A 32 7.32 -19.18 -8.27
C LYS A 32 8.31 -18.16 -8.82
N VAL A 33 9.38 -17.90 -8.08
CA VAL A 33 10.41 -16.95 -8.53
C VAL A 33 11.41 -17.76 -9.40
N LYS A 34 11.67 -17.37 -10.63
CA LYS A 34 12.72 -18.06 -11.41
C LYS A 34 13.78 -17.04 -11.72
N ASN A 35 14.98 -17.47 -12.15
CA ASN A 35 16.04 -16.57 -12.64
C ASN A 35 15.67 -15.90 -13.96
N ALA A 36 14.82 -16.60 -14.76
CA ALA A 36 14.48 -16.13 -16.09
C ALA A 36 13.14 -16.71 -16.52
N ALA A 37 12.45 -16.00 -17.42
CA ALA A 37 11.23 -16.56 -18.03
C ALA A 37 11.59 -17.65 -19.05
N ASP A 38 10.79 -18.71 -19.09
CA ASP A 38 10.93 -19.74 -20.10
C ASP A 38 10.04 -19.34 -21.28
N VAL A 39 10.65 -18.96 -22.40
CA VAL A 39 9.90 -18.40 -23.53
C VAL A 39 9.91 -19.49 -24.61
N SER A 40 8.84 -19.58 -25.37
CA SER A 40 8.80 -20.54 -26.48
C SER A 40 8.20 -19.83 -27.71
N VAL A 41 8.84 -19.97 -28.87
CA VAL A 41 8.40 -19.43 -30.14
C VAL A 41 8.46 -20.57 -31.20
N SER A 42 7.45 -20.63 -32.07
CA SER A 42 7.49 -21.63 -33.18
C SER A 42 7.30 -20.87 -34.49
N TRP A 43 7.60 -21.52 -35.62
CA TRP A 43 7.44 -20.87 -36.89
C TRP A 43 7.21 -21.92 -38.00
N ASN A 44 6.75 -21.42 -39.16
CA ASN A 44 6.58 -22.23 -40.36
C ASN A 44 7.28 -21.51 -41.46
N LEU A 45 7.85 -22.25 -42.41
CA LEU A 45 8.31 -21.60 -43.65
C LEU A 45 7.45 -22.07 -44.83
N TRP A 46 6.66 -21.17 -45.40
CA TRP A 46 5.70 -21.49 -46.48
C TRP A 46 6.26 -21.36 -47.89
N ASN A 47 7.38 -20.66 -48.07
CA ASN A 47 7.98 -20.41 -49.41
C ASN A 47 9.48 -20.26 -49.29
N GLY A 48 10.23 -20.96 -50.14
CA GLY A 48 11.67 -20.80 -50.21
C GLY A 48 12.45 -21.87 -49.42
N ASP A 49 13.74 -21.60 -49.24
CA ASP A 49 14.66 -22.54 -48.61
C ASP A 49 14.59 -22.21 -47.09
N THR A 50 14.65 -23.20 -46.20
CA THR A 50 14.52 -22.92 -44.76
C THR A 50 15.81 -22.39 -44.11
N GLY A 51 16.87 -22.21 -44.91
CA GLY A 51 18.17 -21.77 -44.36
C GLY A 51 18.97 -22.83 -43.58
N THR A 52 20.07 -22.40 -42.96
N THR A 52 20.10 -22.42 -43.00
CA THR A 52 20.85 -23.36 -42.18
CA THR A 52 20.86 -23.38 -42.20
C THR A 52 20.83 -23.09 -40.67
C THR A 52 20.84 -23.08 -40.68
N THR A 53 20.63 -21.83 -40.28
CA THR A 53 20.50 -21.52 -38.85
C THR A 53 19.17 -20.76 -38.65
N ALA A 54 18.48 -21.08 -37.55
CA ALA A 54 17.28 -20.33 -37.17
C ALA A 54 17.67 -19.55 -35.90
N LYS A 55 17.22 -18.28 -35.81
CA LYS A 55 17.55 -17.47 -34.64
C LYS A 55 16.21 -16.88 -34.15
N ILE A 56 16.08 -16.70 -32.83
CA ILE A 56 15.03 -15.80 -32.29
C ILE A 56 15.70 -14.48 -31.89
N LEU A 57 15.20 -13.38 -32.43
CA LEU A 57 15.68 -12.04 -32.11
C LEU A 57 14.63 -11.33 -31.21
N LEU A 58 15.11 -10.60 -30.19
CA LEU A 58 14.29 -9.70 -29.37
C LEU A 58 14.84 -8.27 -29.56
N ASN A 59 14.05 -7.39 -30.16
CA ASN A 59 14.54 -6.06 -30.61
C ASN A 59 15.87 -6.16 -31.43
N GLY A 60 15.98 -7.13 -32.35
CA GLY A 60 17.24 -7.36 -33.13
C GLY A 60 18.32 -8.24 -32.49
N LYS A 61 18.20 -8.50 -31.20
CA LYS A 61 19.24 -9.20 -30.50
C LYS A 61 18.95 -10.67 -30.26
N GLU A 62 19.87 -11.55 -30.65
CA GLU A 62 19.66 -12.98 -30.61
C GLU A 62 19.45 -13.52 -29.21
N ALA A 63 18.35 -14.24 -28.96
CA ALA A 63 18.16 -14.89 -27.67
C ALA A 63 18.28 -16.38 -27.76
N TRP A 64 18.29 -16.90 -28.98
CA TRP A 64 18.39 -18.33 -29.20
C TRP A 64 18.87 -18.53 -30.64
N SER A 65 19.63 -19.59 -30.91
CA SER A 65 19.84 -20.01 -32.31
C SER A 65 20.08 -21.50 -32.34
N GLY A 66 19.79 -22.10 -33.48
CA GLY A 66 20.10 -23.46 -33.63
C GLY A 66 20.01 -23.81 -35.11
N PRO A 67 20.26 -25.09 -35.42
CA PRO A 67 20.21 -25.56 -36.79
C PRO A 67 18.78 -25.47 -37.32
N SER A 68 18.61 -24.98 -38.55
CA SER A 68 17.29 -24.94 -39.14
C SER A 68 17.04 -26.27 -39.88
N THR A 69 16.22 -27.16 -39.33
CA THR A 69 16.17 -28.52 -39.84
C THR A 69 14.92 -28.93 -40.62
N GLY A 70 13.89 -28.12 -40.61
CA GLY A 70 12.71 -28.39 -41.44
C GLY A 70 11.87 -27.15 -41.70
N SER A 71 10.71 -27.38 -42.34
CA SER A 71 9.75 -26.36 -42.64
C SER A 71 9.05 -25.70 -41.40
N SER A 72 9.16 -26.30 -40.24
CA SER A 72 8.64 -25.73 -38.99
C SER A 72 9.65 -25.96 -37.89
N GLY A 73 9.60 -25.14 -36.86
CA GLY A 73 10.64 -25.24 -35.83
C GLY A 73 10.10 -24.68 -34.55
N THR A 74 10.75 -25.04 -33.44
CA THR A 74 10.40 -24.52 -32.13
C THR A 74 11.70 -24.18 -31.41
N ALA A 75 11.70 -23.02 -30.70
CA ALA A 75 12.84 -22.58 -29.87
C ALA A 75 12.33 -22.41 -28.44
N ASN A 76 13.05 -23.01 -27.47
CA ASN A 76 12.76 -22.85 -26.04
C ASN A 76 13.99 -22.19 -25.45
N PHE A 77 13.82 -21.02 -24.85
CA PHE A 77 14.98 -20.25 -24.37
C PHE A 77 14.59 -19.37 -23.17
N LYS A 78 15.60 -18.92 -22.46
CA LYS A 78 15.39 -18.15 -21.24
C LYS A 78 15.56 -16.65 -21.50
N VAL A 79 14.71 -15.82 -20.89
CA VAL A 79 14.88 -14.39 -21.02
C VAL A 79 14.88 -13.79 -19.60
N ASN A 80 15.96 -13.12 -19.22
CA ASN A 80 16.09 -12.73 -17.78
C ASN A 80 15.77 -11.28 -17.44
N LYS A 81 15.23 -10.54 -18.39
CA LYS A 81 14.87 -9.17 -18.15
C LYS A 81 13.46 -8.89 -18.68
N GLY A 82 12.62 -8.29 -17.84
CA GLY A 82 11.23 -7.96 -18.21
C GLY A 82 11.12 -6.90 -19.26
N GLY A 83 9.99 -6.88 -19.98
CA GLY A 83 9.73 -5.90 -21.01
C GLY A 83 8.76 -6.45 -22.04
N ARG A 84 8.44 -5.58 -22.98
CA ARG A 84 7.67 -5.95 -24.16
C ARG A 84 8.68 -5.84 -25.30
N TYR A 85 8.93 -6.97 -25.98
CA TYR A 85 9.94 -7.11 -27.01
C TYR A 85 9.29 -7.37 -28.36
N GLN A 86 9.85 -6.72 -29.39
CA GLN A 86 9.57 -7.02 -30.80
C GLN A 86 10.38 -8.26 -31.18
N MET A 87 9.71 -9.42 -31.20
CA MET A 87 10.36 -10.68 -31.42
C MET A 87 10.25 -11.03 -32.88
N GLN A 88 11.33 -11.59 -33.42
CA GLN A 88 11.30 -12.06 -34.80
C GLN A 88 11.97 -13.42 -34.86
N VAL A 89 11.56 -14.24 -35.83
CA VAL A 89 12.33 -15.41 -36.16
C VAL A 89 13.13 -15.03 -37.42
N ALA A 90 14.43 -15.34 -37.45
CA ALA A 90 15.25 -15.07 -38.66
C ALA A 90 15.84 -16.42 -39.11
N LEU A 91 15.84 -16.65 -40.43
CA LEU A 91 16.49 -17.85 -41.01
C LEU A 91 17.67 -17.37 -41.82
N CYS A 92 18.82 -17.99 -41.60
CA CYS A 92 20.11 -17.50 -42.14
C CYS A 92 20.79 -18.62 -42.92
N ASN A 93 21.45 -18.29 -44.00
CA ASN A 93 22.42 -19.20 -44.63
C ASN A 93 23.57 -18.31 -45.08
N ALA A 94 24.51 -18.85 -45.88
CA ALA A 94 25.69 -18.15 -46.28
C ALA A 94 25.38 -16.89 -47.10
N ASP A 95 24.21 -16.88 -47.72
CA ASP A 95 23.80 -15.81 -48.62
C ASP A 95 22.90 -14.74 -47.99
N GLY A 96 22.57 -14.86 -46.72
CA GLY A 96 21.89 -13.78 -46.03
C GLY A 96 20.96 -14.30 -44.95
N CYS A 97 20.30 -13.35 -44.26
CA CYS A 97 19.35 -13.66 -43.17
C CYS A 97 18.04 -13.06 -43.56
N THR A 98 16.95 -13.79 -43.34
CA THR A 98 15.62 -13.30 -43.68
C THR A 98 14.80 -13.40 -42.41
N ALA A 99 14.30 -12.26 -41.93
CA ALA A 99 13.57 -12.12 -40.67
C ALA A 99 12.09 -12.05 -40.90
N SER A 100 11.33 -12.71 -40.02
CA SER A 100 9.85 -12.60 -40.01
C SER A 100 9.43 -11.19 -39.66
N ASP A 101 8.15 -10.90 -39.86
CA ASP A 101 7.51 -9.73 -39.20
C ASP A 101 7.63 -9.89 -37.70
N ALA A 102 7.71 -8.78 -36.99
CA ALA A 102 7.85 -8.81 -35.53
C ALA A 102 6.50 -9.21 -34.89
N THR A 103 6.54 -10.03 -33.85
CA THR A 103 5.37 -10.24 -32.97
C THR A 103 5.80 -9.73 -31.59
N GLU A 104 4.99 -8.90 -30.94
CA GLU A 104 5.31 -8.51 -29.57
C GLU A 104 5.21 -9.67 -28.58
N ILE A 105 6.24 -9.88 -27.79
CA ILE A 105 6.05 -10.80 -26.67
C ILE A 105 6.23 -10.04 -25.33
N VAL A 106 5.62 -10.58 -24.30
CA VAL A 106 5.71 -10.11 -22.94
C VAL A 106 6.53 -11.05 -22.10
N VAL A 107 7.55 -10.48 -21.44
CA VAL A 107 8.35 -11.16 -20.46
C VAL A 107 8.07 -10.37 -19.17
N ALA A 108 7.22 -10.93 -18.32
CA ALA A 108 6.67 -10.18 -17.16
C ALA A 108 7.70 -10.21 -16.03
N ASP A 109 7.83 -9.07 -15.34
CA ASP A 109 8.57 -9.03 -14.08
C ASP A 109 7.86 -8.06 -13.16
N THR A 110 8.13 -8.18 -11.86
CA THR A 110 7.28 -7.54 -10.85
C THR A 110 7.65 -6.08 -10.63
N ASP A 111 8.62 -5.57 -11.39
CA ASP A 111 8.79 -4.13 -11.47
C ASP A 111 7.79 -3.49 -12.43
N GLY A 112 6.99 -4.32 -13.13
CA GLY A 112 6.06 -3.80 -14.14
C GLY A 112 6.72 -3.38 -15.45
N SER A 113 7.96 -3.76 -15.67
CA SER A 113 8.68 -3.43 -16.91
C SER A 113 8.00 -3.95 -18.21
N HIS A 114 7.06 -4.87 -18.09
CA HIS A 114 6.31 -5.39 -19.24
C HIS A 114 4.95 -4.67 -19.41
N LEU A 115 4.65 -3.68 -18.58
CA LEU A 115 3.30 -3.08 -18.57
C LEU A 115 3.19 -1.64 -19.12
N ALA A 116 2.16 -1.37 -19.92
CA ALA A 116 1.85 0.03 -20.25
C ALA A 116 1.61 0.79 -18.95
N PRO A 117 1.99 2.10 -18.91
CA PRO A 117 1.83 2.96 -17.72
C PRO A 117 0.37 3.14 -17.40
N LEU A 118 0.00 2.98 -16.11
CA LEU A 118 -1.39 3.23 -15.72
C LEU A 118 -1.47 4.70 -15.37
N LYS A 119 -1.92 5.51 -16.33
CA LYS A 119 -2.06 6.96 -16.18
C LYS A 119 -3.53 7.32 -16.30
N GLU A 120 -4.25 7.50 -15.19
CA GLU A 120 -5.67 7.62 -15.33
C GLU A 120 -6.04 9.03 -14.98
N PRO A 121 -7.17 9.50 -15.52
CA PRO A 121 -7.56 10.88 -15.18
C PRO A 121 -7.98 10.96 -13.73
N LEU A 122 -7.80 12.14 -13.12
CA LEU A 122 -8.31 12.40 -11.78
C LEU A 122 -9.82 12.32 -11.73
N LEU A 123 -10.35 11.77 -10.66
CA LEU A 123 -11.79 11.60 -10.52
C LEU A 123 -12.34 12.49 -9.44
N GLU A 124 -13.66 12.50 -9.36
CA GLU A 124 -14.42 13.28 -8.38
C GLU A 124 -13.85 14.69 -8.28
N LYS A 125 -13.50 15.14 -7.08
CA LYS A 125 -13.09 16.56 -6.90
C LYS A 125 -11.58 16.74 -6.90
N ASN A 126 -10.83 15.67 -7.22
CA ASN A 126 -9.36 15.71 -7.18
C ASN A 126 -8.83 16.67 -8.25
N LYS A 127 -7.87 17.52 -7.87
CA LYS A 127 -7.27 18.50 -8.77
C LYS A 127 -5.77 18.20 -8.82
N PRO A 128 -5.10 18.50 -9.96
CA PRO A 128 -3.70 18.13 -10.08
C PRO A 128 -2.72 19.02 -9.30
N TYR A 129 -1.80 18.39 -8.57
CA TYR A 129 -0.69 19.06 -7.88
C TYR A 129 0.62 18.47 -8.36
N LYS A 130 1.65 19.30 -8.35
CA LYS A 130 3.00 18.85 -8.57
C LYS A 130 3.59 18.57 -7.20
N GLN A 131 4.45 17.56 -7.11
CA GLN A 131 5.06 17.26 -5.81
C GLN A 131 6.33 18.05 -5.68
N ASN A 132 6.23 19.30 -5.29
CA ASN A 132 7.46 20.12 -5.26
C ASN A 132 7.70 20.84 -3.96
N SER A 133 6.90 20.53 -2.95
CA SER A 133 7.11 21.09 -1.64
C SER A 133 8.30 20.45 -0.94
N GLY A 134 8.68 19.23 -1.34
CA GLY A 134 9.69 18.45 -0.61
C GLY A 134 9.13 17.81 0.67
N LYS A 135 7.82 17.85 0.88
CA LYS A 135 7.18 17.22 2.04
C LYS A 135 6.48 15.93 1.61
N VAL A 136 6.32 15.00 2.58
CA VAL A 136 5.56 13.76 2.36
C VAL A 136 4.09 14.05 2.17
N VAL A 137 3.50 13.47 1.13
CA VAL A 137 2.05 13.44 0.99
C VAL A 137 1.64 11.98 0.79
N GLY A 138 1.14 11.36 1.85
CA GLY A 138 0.91 9.91 1.81
C GLY A 138 -0.57 9.55 1.98
N SER A 139 -0.93 8.37 1.51
CA SER A 139 -2.23 7.82 1.89
C SER A 139 -2.13 6.28 1.83
N TYR A 140 -3.04 5.60 2.54
CA TYR A 140 -3.21 4.15 2.47
C TYR A 140 -4.27 3.70 1.47
N PHE A 141 -3.93 2.71 0.64
CA PHE A 141 -4.89 1.99 -0.18
C PHE A 141 -5.12 0.64 0.49
N VAL A 142 -6.38 0.23 0.68
CA VAL A 142 -6.61 -1.07 1.35
C VAL A 142 -6.94 -2.20 0.38
N GLU A 143 -6.32 -3.35 0.58
CA GLU A 143 -6.44 -4.46 -0.36
C GLU A 143 -7.89 -4.88 -0.57
N TRP A 144 -8.68 -4.81 0.50
CA TRP A 144 -10.07 -5.33 0.43
C TRP A 144 -11.02 -4.25 -0.11
N GLY A 145 -10.48 -3.10 -0.48
CA GLY A 145 -11.35 -1.99 -0.90
C GLY A 145 -11.89 -2.22 -2.31
N VAL A 146 -11.40 -3.25 -2.99
CA VAL A 146 -11.81 -3.49 -4.37
C VAL A 146 -13.17 -4.21 -4.45
N TYR A 147 -13.69 -4.61 -3.28
CA TYR A 147 -14.93 -5.34 -3.22
C TYR A 147 -16.09 -4.34 -2.98
N GLY A 148 -16.68 -4.33 -1.79
CA GLY A 148 -17.83 -3.44 -1.56
C GLY A 148 -17.53 -1.96 -1.83
N ARG A 149 -16.34 -1.49 -1.40
CA ARG A 149 -16.00 -0.10 -1.62
C ARG A 149 -15.73 0.20 -3.10
N ASN A 150 -15.45 -0.84 -3.90
CA ASN A 150 -15.28 -0.71 -5.34
C ASN A 150 -14.22 0.31 -5.71
N PHE A 151 -13.15 0.39 -4.94
CA PHE A 151 -12.14 1.41 -5.18
C PHE A 151 -10.82 0.72 -5.52
N THR A 152 -10.35 0.95 -6.75
CA THR A 152 -9.27 0.17 -7.33
C THR A 152 -8.09 1.09 -7.59
N VAL A 153 -6.94 0.52 -7.92
CA VAL A 153 -5.69 1.28 -8.06
C VAL A 153 -5.83 2.37 -9.14
N ASP A 154 -6.65 2.12 -10.16
CA ASP A 154 -6.82 3.12 -11.23
C ASP A 154 -7.62 4.32 -10.75
N LYS A 155 -8.33 4.19 -9.63
CA LYS A 155 -8.97 5.35 -9.03
C LYS A 155 -8.07 6.15 -8.07
N ILE A 156 -6.83 5.71 -7.84
CA ILE A 156 -5.98 6.45 -6.94
C ILE A 156 -5.50 7.73 -7.70
N PRO A 157 -5.68 8.92 -7.10
CA PRO A 157 -5.04 10.17 -7.60
C PRO A 157 -3.56 10.20 -7.36
N ALA A 158 -2.86 9.31 -8.05
CA ALA A 158 -1.47 9.04 -7.76
C ALA A 158 -0.50 10.21 -7.97
N GLN A 159 -0.78 11.13 -8.90
CA GLN A 159 0.16 12.25 -9.11
C GLN A 159 0.19 13.16 -7.85
N ASN A 160 -0.86 13.10 -7.05
CA ASN A 160 -1.00 13.90 -5.82
C ASN A 160 -0.43 13.29 -4.54
N LEU A 161 0.39 12.25 -4.68
CA LEU A 161 0.98 11.59 -3.52
C LEU A 161 2.47 11.52 -3.67
N THR A 162 3.24 11.48 -2.57
CA THR A 162 4.64 11.05 -2.69
C THR A 162 4.78 9.56 -2.25
N HIS A 163 3.87 9.15 -1.37
CA HIS A 163 3.86 7.83 -0.70
C HIS A 163 2.52 7.18 -0.81
N LEU A 164 2.50 5.94 -1.30
CA LEU A 164 1.26 5.19 -1.33
C LEU A 164 1.48 3.90 -0.49
N LEU A 165 0.71 3.75 0.58
CA LEU A 165 0.89 2.62 1.49
C LEU A 165 -0.18 1.55 1.20
N TYR A 166 0.28 0.31 1.04
CA TYR A 166 -0.63 -0.81 0.79
C TYR A 166 -1.00 -1.55 2.06
N GLY A 167 -2.22 -1.38 2.55
CA GLY A 167 -2.66 -2.06 3.77
C GLY A 167 -3.49 -3.29 3.39
N PHE A 168 -3.17 -4.51 3.84
CA PHE A 168 -2.05 -4.83 4.70
C PHE A 168 -1.45 -6.15 4.29
N ILE A 169 -0.18 -6.28 4.59
CA ILE A 169 0.56 -7.50 4.38
C ILE A 169 0.59 -8.21 5.71
N PRO A 170 0.09 -9.44 5.76
CA PRO A 170 0.01 -10.12 7.05
C PRO A 170 1.31 -10.91 7.33
N ILE A 171 1.44 -11.35 8.57
CA ILE A 171 2.55 -12.22 8.99
C ILE A 171 1.93 -13.59 9.33
N CYS A 172 2.45 -14.67 8.76
CA CYS A 172 1.88 -16.03 9.01
C CYS A 172 1.88 -16.48 10.50
N GLY A 173 0.83 -17.21 10.86
CA GLY A 173 0.69 -17.75 12.20
C GLY A 173 -0.77 -18.07 12.47
N GLY A 174 -0.99 -19.24 13.06
CA GLY A 174 -2.31 -19.66 13.51
C GLY A 174 -2.65 -19.28 14.94
N ASN A 175 -3.15 -20.28 15.67
CA ASN A 175 -3.58 -20.08 17.05
C ASN A 175 -2.52 -19.47 17.91
N GLY A 176 -2.92 -18.46 18.68
CA GLY A 176 -1.96 -17.76 19.54
C GLY A 176 -1.16 -16.66 18.85
N ILE A 177 -1.15 -16.63 17.51
CA ILE A 177 -0.30 -15.70 16.74
C ILE A 177 -1.10 -14.60 16.03
N ASN A 178 -2.24 -14.97 15.46
CA ASN A 178 -3.12 -14.07 14.74
C ASN A 178 -4.56 -14.16 15.25
N ASP A 179 -4.69 -14.36 16.57
CA ASP A 179 -6.02 -14.47 17.19
C ASP A 179 -6.93 -13.27 16.94
N SER A 180 -6.38 -12.06 16.78
CA SER A 180 -7.22 -10.88 16.52
C SER A 180 -8.01 -11.00 15.22
N LEU A 181 -7.49 -11.75 14.23
CA LEU A 181 -8.23 -11.96 12.97
C LEU A 181 -9.52 -12.71 13.15
N LYS A 182 -9.62 -13.52 14.19
CA LYS A 182 -10.80 -14.34 14.41
C LYS A 182 -12.07 -13.52 14.64
N GLU A 183 -11.92 -12.23 14.96
CA GLU A 183 -13.05 -11.31 15.15
C GLU A 183 -13.67 -10.91 13.80
N ILE A 184 -13.03 -11.27 12.68
CA ILE A 184 -13.54 -10.96 11.36
C ILE A 184 -13.84 -12.30 10.65
N GLU A 185 -15.12 -12.53 10.39
CA GLU A 185 -15.56 -13.71 9.67
C GLU A 185 -14.67 -14.12 8.49
N GLY A 186 -14.20 -15.37 8.53
CA GLY A 186 -13.42 -15.96 7.46
C GLY A 186 -11.96 -15.49 7.36
N SER A 187 -11.58 -14.49 8.14
CA SER A 187 -10.30 -13.78 7.90
C SER A 187 -9.13 -14.63 8.43
N PHE A 188 -9.31 -15.24 9.61
CA PHE A 188 -8.23 -16.05 10.19
C PHE A 188 -8.03 -17.28 9.31
N GLN A 189 -9.13 -17.87 8.81
CA GLN A 189 -9.05 -19.07 7.95
C GLN A 189 -8.40 -18.77 6.60
N ALA A 190 -8.65 -17.57 6.06
CA ALA A 190 -8.05 -17.14 4.81
C ALA A 190 -6.52 -17.07 4.99
N LEU A 191 -6.08 -16.56 6.13
CA LEU A 191 -4.62 -16.42 6.36
C LEU A 191 -3.98 -17.82 6.49
N GLN A 192 -4.63 -18.73 7.21
CA GLN A 192 -4.09 -20.11 7.36
C GLN A 192 -4.02 -20.81 6.02
N ARG A 193 -4.96 -20.52 5.12
CA ARG A 193 -4.89 -21.17 3.84
C ARG A 193 -3.74 -20.58 3.06
N SER A 194 -3.62 -19.26 3.12
CA SER A 194 -2.55 -18.58 2.39
C SER A 194 -1.16 -19.06 2.93
N CYS A 195 -1.07 -19.28 4.22
CA CYS A 195 0.19 -19.64 4.88
C CYS A 195 0.44 -21.15 4.98
N GLN A 196 -0.37 -21.97 4.32
N GLN A 196 -0.34 -21.95 4.26
CA GLN A 196 -0.21 -23.41 4.51
CA GLN A 196 -0.18 -23.41 4.28
C GLN A 196 1.15 -23.88 3.96
C GLN A 196 1.26 -23.83 3.93
N GLY A 197 1.90 -24.61 4.79
CA GLY A 197 3.28 -25.07 4.52
C GLY A 197 4.29 -23.94 4.67
N ARG A 198 3.89 -22.78 5.20
CA ARG A 198 4.80 -21.64 5.26
C ARG A 198 5.09 -21.41 6.72
N GLU A 199 6.34 -21.20 7.08
CA GLU A 199 6.67 -20.94 8.49
C GLU A 199 5.95 -19.75 9.18
N ASP A 200 5.51 -19.92 10.45
CA ASP A 200 5.05 -18.81 11.25
C ASP A 200 6.13 -17.66 11.21
N PHE A 201 5.65 -16.43 11.27
CA PHE A 201 6.48 -15.22 11.36
C PHE A 201 7.11 -14.79 10.06
N LYS A 202 6.79 -15.50 8.98
CA LYS A 202 7.06 -15.00 7.62
C LYS A 202 5.88 -14.21 7.03
N VAL A 203 6.16 -13.19 6.24
CA VAL A 203 5.08 -12.49 5.56
C VAL A 203 4.40 -13.32 4.46
N SER A 204 3.18 -12.93 4.15
CA SER A 204 2.41 -13.59 3.09
C SER A 204 1.49 -12.52 2.48
N ILE A 205 0.50 -12.97 1.70
CA ILE A 205 -0.49 -12.10 1.11
C ILE A 205 -1.81 -12.61 1.69
N HIS A 206 -2.63 -11.74 2.22
CA HIS A 206 -3.84 -12.14 2.86
C HIS A 206 -4.93 -12.59 1.89
N ASP A 207 -5.11 -11.82 0.82
CA ASP A 207 -6.13 -12.16 -0.20
C ASP A 207 -5.41 -12.21 -1.53
N PRO A 208 -4.90 -13.37 -1.91
CA PRO A 208 -4.13 -13.42 -3.19
C PRO A 208 -5.00 -13.11 -4.43
N PHE A 209 -6.32 -13.32 -4.31
CA PHE A 209 -7.20 -13.02 -5.43
C PHE A 209 -7.25 -11.51 -5.73
N ALA A 210 -7.57 -10.73 -4.71
CA ALA A 210 -7.57 -9.29 -4.87
C ALA A 210 -6.14 -8.81 -5.22
N ALA A 211 -5.09 -9.39 -4.61
CA ALA A 211 -3.71 -8.90 -4.85
C ALA A 211 -3.19 -9.17 -6.25
N LEU A 212 -3.59 -10.30 -6.87
CA LEU A 212 -2.87 -10.81 -8.05
C LEU A 212 -3.72 -11.27 -9.21
N GLN A 213 -5.02 -11.50 -8.99
CA GLN A 213 -5.81 -12.22 -9.97
C GLN A 213 -7.10 -11.54 -10.41
N LYS A 214 -7.65 -10.66 -9.59
CA LYS A 214 -8.88 -9.97 -9.97
C LYS A 214 -8.66 -9.09 -11.24
N ALA A 215 -9.48 -9.26 -12.27
CA ALA A 215 -9.40 -8.43 -13.48
C ALA A 215 -9.53 -6.97 -13.07
N GLN A 216 -8.62 -6.13 -13.56
CA GLN A 216 -8.70 -4.70 -13.31
C GLN A 216 -8.21 -3.99 -14.54
N LYS A 217 -8.51 -2.69 -14.59
CA LYS A 217 -8.07 -1.84 -15.73
C LYS A 217 -6.59 -1.97 -16.06
N GLY A 218 -6.28 -2.35 -17.29
CA GLY A 218 -4.94 -2.47 -17.77
C GLY A 218 -4.44 -3.93 -17.63
N VAL A 219 -5.14 -4.72 -16.81
CA VAL A 219 -4.75 -6.10 -16.56
C VAL A 219 -6.02 -7.01 -16.61
N THR A 220 -6.76 -6.97 -17.72
CA THR A 220 -7.98 -7.76 -17.89
C THR A 220 -7.80 -8.93 -18.87
N ALA A 221 -6.68 -9.00 -19.57
CA ALA A 221 -6.50 -10.08 -20.58
C ALA A 221 -6.14 -11.36 -19.85
N TRP A 222 -6.70 -12.52 -20.26
CA TRP A 222 -6.60 -13.71 -19.38
C TRP A 222 -5.17 -14.18 -19.20
N ASP A 223 -4.32 -13.93 -20.19
CA ASP A 223 -2.93 -14.41 -20.13
C ASP A 223 -1.97 -13.38 -19.48
N ASP A 224 -2.51 -12.25 -18.98
CA ASP A 224 -1.68 -11.26 -18.20
C ASP A 224 -1.08 -11.95 -16.94
N PRO A 225 0.26 -11.99 -16.84
CA PRO A 225 0.82 -12.80 -15.72
C PRO A 225 0.44 -12.20 -14.35
N TYR A 226 0.27 -10.87 -14.25
CA TYR A 226 -0.14 -10.22 -12.99
C TYR A 226 -1.36 -9.41 -13.19
N LYS A 227 -2.32 -9.60 -12.28
CA LYS A 227 -3.54 -8.81 -12.32
C LYS A 227 -3.75 -8.24 -10.92
N GLY A 228 -4.99 -7.87 -10.60
CA GLY A 228 -5.35 -7.45 -9.25
C GLY A 228 -4.60 -6.19 -8.81
N ASN A 229 -4.51 -5.97 -7.49
CA ASN A 229 -3.90 -4.72 -6.99
C ASN A 229 -2.42 -4.64 -7.38
N PHE A 230 -1.68 -5.75 -7.21
CA PHE A 230 -0.23 -5.76 -7.52
C PHE A 230 0.02 -5.47 -9.00
N GLY A 231 -0.71 -6.14 -9.91
CA GLY A 231 -0.49 -5.88 -11.34
C GLY A 231 -0.73 -4.41 -11.67
N GLN A 232 -1.82 -3.85 -11.16
CA GLN A 232 -2.05 -2.39 -11.30
C GLN A 232 -1.01 -1.47 -10.64
N LEU A 233 -0.50 -1.84 -9.45
CA LEU A 233 0.56 -1.05 -8.80
C LEU A 233 1.85 -1.09 -9.60
N MET A 234 2.11 -2.23 -10.28
CA MET A 234 3.30 -2.33 -11.17
C MET A 234 3.14 -1.31 -12.30
N ALA A 235 1.94 -1.28 -12.90
CA ALA A 235 1.67 -0.38 -14.02
C ALA A 235 1.65 1.08 -13.53
N LEU A 236 1.09 1.34 -12.34
CA LEU A 236 1.15 2.67 -11.72
C LEU A 236 2.63 3.12 -11.57
N LYS A 237 3.51 2.20 -11.18
CA LYS A 237 4.91 2.53 -10.96
C LYS A 237 5.53 2.94 -12.32
N GLN A 238 5.08 2.29 -13.40
CA GLN A 238 5.56 2.69 -14.74
C GLN A 238 5.16 4.13 -15.08
N ALA A 239 3.97 4.54 -14.62
CA ALA A 239 3.49 5.89 -14.86
C ALA A 239 4.10 6.89 -13.87
N HIS A 240 4.39 6.45 -12.64
CA HIS A 240 4.88 7.33 -11.57
C HIS A 240 6.17 6.77 -10.95
N PRO A 241 7.30 6.83 -11.70
CA PRO A 241 8.50 6.14 -11.23
C PRO A 241 9.06 6.66 -9.88
N ASP A 242 8.74 7.90 -9.55
CA ASP A 242 9.14 8.47 -8.27
C ASP A 242 8.13 8.33 -7.12
N LEU A 243 6.95 7.76 -7.37
CA LEU A 243 5.99 7.45 -6.28
C LEU A 243 6.60 6.31 -5.41
N LYS A 244 6.62 6.45 -4.08
CA LYS A 244 7.10 5.36 -3.23
C LYS A 244 5.91 4.52 -2.85
N ILE A 245 5.95 3.26 -3.23
CA ILE A 245 4.88 2.32 -2.87
C ILE A 245 5.43 1.37 -1.79
N LEU A 246 4.87 1.48 -0.58
CA LEU A 246 5.35 0.70 0.58
C LEU A 246 4.28 -0.32 0.98
N PRO A 247 4.68 -1.60 1.15
CA PRO A 247 3.77 -2.54 1.78
C PRO A 247 3.72 -2.24 3.28
N SER A 248 2.52 -2.11 3.81
CA SER A 248 2.33 -1.94 5.24
C SER A 248 2.04 -3.27 5.92
N ILE A 249 2.90 -3.65 6.83
CA ILE A 249 2.76 -4.86 7.62
C ILE A 249 2.14 -4.54 8.98
N GLY A 250 1.06 -5.23 9.25
CA GLY A 250 0.34 -5.03 10.46
C GLY A 250 -1.02 -4.40 10.32
N GLY A 251 -1.21 -3.31 11.03
CA GLY A 251 -2.53 -2.72 11.19
C GLY A 251 -3.24 -3.28 12.40
N TRP A 252 -4.47 -2.83 12.59
CA TRP A 252 -5.24 -3.23 13.75
C TRP A 252 -5.37 -4.76 14.00
N THR A 253 -5.71 -5.52 12.97
CA THR A 253 -6.02 -6.94 13.18
C THR A 253 -4.88 -7.89 12.82
N LEU A 254 -3.76 -7.35 12.32
CA LEU A 254 -2.65 -8.16 11.88
C LEU A 254 -1.33 -7.89 12.68
N SER A 255 -1.44 -7.22 13.83
CA SER A 255 -0.29 -6.83 14.67
C SER A 255 0.14 -7.88 15.71
N ASP A 256 -0.71 -8.87 16.01
CA ASP A 256 -0.38 -9.87 17.06
C ASP A 256 1.02 -10.50 16.93
N PRO A 257 1.47 -10.88 15.71
CA PRO A 257 2.76 -11.56 15.61
C PRO A 257 3.96 -10.68 16.06
N PHE A 258 3.84 -9.34 16.00
CA PHE A 258 4.95 -8.50 16.43
C PHE A 258 5.32 -8.77 17.87
N PHE A 259 4.31 -9.10 18.68
CA PHE A 259 4.49 -9.27 20.13
C PHE A 259 5.40 -10.44 20.51
N PHE A 260 5.70 -11.30 19.53
CA PHE A 260 6.55 -12.46 19.73
C PHE A 260 7.98 -12.20 19.29
N MET A 261 8.23 -11.06 18.65
CA MET A 261 9.57 -10.85 18.00
C MET A 261 10.72 -10.52 18.94
N GLY A 262 10.44 -10.53 20.24
CA GLY A 262 11.50 -10.54 21.24
C GLY A 262 12.37 -11.78 21.10
N ASP A 263 11.83 -12.87 20.57
CA ASP A 263 12.62 -14.04 20.17
C ASP A 263 13.37 -13.72 18.86
N LYS A 264 14.69 -13.46 18.93
CA LYS A 264 15.47 -13.18 17.73
C LYS A 264 15.37 -14.24 16.63
N VAL A 265 15.17 -15.49 16.98
CA VAL A 265 14.91 -16.48 15.93
C VAL A 265 13.71 -16.07 15.06
N LYS A 266 12.58 -15.74 15.69
CA LYS A 266 11.39 -15.32 14.95
C LYS A 266 11.67 -13.98 14.27
N ARG A 267 12.33 -13.06 14.98
CA ARG A 267 12.55 -11.75 14.35
C ARG A 267 13.45 -11.84 13.11
N ASP A 268 14.53 -12.63 13.18
CA ASP A 268 15.41 -12.90 12.01
C ASP A 268 14.62 -13.52 10.87
N ARG A 269 13.75 -14.49 11.19
CA ARG A 269 12.96 -15.13 10.17
C ARG A 269 12.05 -14.11 9.52
N PHE A 270 11.41 -13.23 10.32
CA PHE A 270 10.58 -12.17 9.75
C PHE A 270 11.33 -11.23 8.79
N VAL A 271 12.41 -10.62 9.27
CA VAL A 271 13.26 -9.75 8.48
C VAL A 271 13.73 -10.42 7.19
N GLY A 272 14.23 -11.65 7.27
CA GLY A 272 14.59 -12.38 6.06
C GLY A 272 13.39 -12.51 5.11
N SER A 273 12.19 -12.76 5.66
CA SER A 273 11.03 -12.92 4.76
C SER A 273 10.63 -11.57 4.11
N VAL A 274 10.91 -10.46 4.79
CA VAL A 274 10.62 -9.16 4.21
C VAL A 274 11.57 -8.93 3.03
N LYS A 275 12.83 -9.26 3.23
CA LYS A 275 13.81 -9.15 2.16
C LYS A 275 13.37 -9.92 0.89
N GLU A 276 12.98 -11.17 1.11
CA GLU A 276 12.53 -12.02 0.04
C GLU A 276 11.25 -11.47 -0.60
N PHE A 277 10.35 -10.90 0.22
CA PHE A 277 9.13 -10.30 -0.33
C PHE A 277 9.50 -9.12 -1.28
N LEU A 278 10.49 -8.31 -0.89
CA LEU A 278 10.88 -7.19 -1.72
C LEU A 278 11.66 -7.62 -2.97
N GLN A 279 12.39 -8.72 -2.89
CA GLN A 279 13.05 -9.27 -4.06
C GLN A 279 12.04 -9.88 -5.03
N THR A 280 10.92 -10.35 -4.49
CA THR A 280 9.91 -11.00 -5.28
C THR A 280 9.02 -9.96 -5.97
N TRP A 281 8.59 -8.92 -5.23
CA TRP A 281 7.66 -7.90 -5.67
C TRP A 281 8.44 -6.58 -5.79
N LYS A 282 9.02 -6.36 -6.96
CA LYS A 282 9.98 -5.28 -7.16
C LYS A 282 9.39 -3.90 -7.25
N PHE A 283 8.08 -3.80 -7.45
CA PHE A 283 7.44 -2.51 -7.46
C PHE A 283 7.40 -1.82 -6.09
N PHE A 284 7.55 -2.59 -4.99
CA PHE A 284 7.57 -2.00 -3.64
C PHE A 284 8.91 -1.34 -3.32
N ASP A 285 8.87 -0.19 -2.64
CA ASP A 285 10.05 0.64 -2.35
C ASP A 285 10.58 0.62 -0.91
N GLY A 286 10.22 -0.40 -0.14
CA GLY A 286 10.64 -0.42 1.24
C GLY A 286 9.61 -1.16 2.05
N VAL A 287 9.48 -0.80 3.32
CA VAL A 287 8.56 -1.48 4.19
C VAL A 287 8.06 -0.52 5.26
N ASP A 288 6.76 -0.62 5.53
CA ASP A 288 6.14 0.17 6.56
C ASP A 288 5.69 -0.81 7.65
N ILE A 289 6.09 -0.54 8.90
CA ILE A 289 5.75 -1.41 10.05
C ILE A 289 4.64 -0.74 10.87
N ASP A 290 3.48 -1.38 10.95
CA ASP A 290 2.32 -0.79 11.57
C ASP A 290 1.99 -1.68 12.77
N TRP A 291 2.83 -1.66 13.79
CA TRP A 291 2.66 -2.56 14.93
C TRP A 291 1.77 -1.81 15.88
N GLU A 292 0.54 -2.31 16.06
CA GLU A 292 -0.43 -1.67 16.95
C GLU A 292 -0.74 -2.50 18.22
N PHE A 293 -0.04 -2.23 19.35
CA PHE A 293 0.99 -1.18 19.52
C PHE A 293 2.07 -1.80 20.46
N PRO A 294 3.35 -1.37 20.36
CA PRO A 294 4.23 -1.91 21.42
C PRO A 294 3.66 -1.63 22.81
N GLY A 295 3.63 -2.63 23.69
CA GLY A 295 3.06 -2.40 25.02
C GLY A 295 1.62 -2.87 25.12
N GLY A 296 1.00 -3.11 23.98
CA GLY A 296 -0.36 -3.64 23.96
C GLY A 296 -1.36 -2.52 23.81
N LYS A 297 -2.60 -2.78 24.25
CA LYS A 297 -3.73 -1.87 24.08
C LYS A 297 -4.12 -1.77 22.60
N GLY A 298 -3.66 -2.73 21.78
CA GLY A 298 -4.14 -2.92 20.40
C GLY A 298 -5.41 -3.75 20.44
N ALA A 299 -5.71 -4.44 19.34
CA ALA A 299 -6.91 -5.32 19.30
C ALA A 299 -6.93 -6.44 20.35
N ASN A 300 -5.76 -7.03 20.63
CA ASN A 300 -5.66 -8.22 21.51
C ASN A 300 -5.42 -7.83 22.98
N PRO A 301 -6.41 -8.09 23.86
CA PRO A 301 -6.26 -7.70 25.27
C PRO A 301 -5.21 -8.51 26.04
N ASN A 302 -4.74 -9.61 25.47
CA ASN A 302 -3.80 -10.51 26.12
C ASN A 302 -2.35 -10.36 25.68
N LEU A 303 -2.03 -9.33 24.88
CA LEU A 303 -0.67 -9.20 24.37
C LEU A 303 -0.16 -7.84 24.79
N GLY A 304 1.16 -7.70 24.91
CA GLY A 304 1.79 -6.45 25.35
C GLY A 304 2.76 -6.79 26.46
N SER A 305 4.00 -6.35 26.36
CA SER A 305 4.97 -6.63 27.36
C SER A 305 5.93 -5.44 27.51
N PRO A 306 6.56 -5.30 28.71
CA PRO A 306 7.51 -4.16 28.92
C PRO A 306 8.70 -4.18 27.98
N GLN A 307 8.97 -5.36 27.40
CA GLN A 307 10.09 -5.59 26.48
C GLN A 307 9.80 -5.03 25.07
N ASP A 308 8.53 -4.75 24.77
CA ASP A 308 8.15 -4.41 23.38
C ASP A 308 8.93 -3.20 22.82
N GLY A 309 9.25 -2.20 23.62
CA GLY A 309 9.98 -1.02 23.11
C GLY A 309 11.37 -1.40 22.61
N GLU A 310 11.98 -2.31 23.35
CA GLU A 310 13.29 -2.78 22.97
C GLU A 310 13.18 -3.64 21.69
N THR A 311 12.20 -4.53 21.65
CA THR A 311 11.89 -5.30 20.42
C THR A 311 11.67 -4.36 19.20
N TYR A 312 10.82 -3.35 19.37
CA TYR A 312 10.62 -2.39 18.27
C TYR A 312 11.96 -1.76 17.75
N VAL A 313 12.81 -1.32 18.65
CA VAL A 313 14.05 -0.64 18.24
C VAL A 313 14.97 -1.60 17.53
N LEU A 314 15.06 -2.83 18.06
CA LEU A 314 15.88 -3.85 17.44
C LEU A 314 15.36 -4.22 16.04
N LEU A 315 14.04 -4.40 15.95
CA LEU A 315 13.39 -4.65 14.68
C LEU A 315 13.70 -3.56 13.64
N MET A 316 13.59 -2.29 14.01
CA MET A 316 13.82 -1.21 13.02
C MET A 316 15.27 -1.23 12.56
N LYS A 317 16.17 -1.47 13.51
CA LYS A 317 17.58 -1.51 13.21
C LYS A 317 17.93 -2.66 12.25
N GLU A 318 17.35 -3.83 12.51
CA GLU A 318 17.63 -5.00 11.66
C GLU A 318 17.01 -4.87 10.25
N LEU A 319 15.79 -4.33 10.21
CA LEU A 319 15.15 -4.02 8.92
C LEU A 319 16.00 -3.02 8.15
N ARG A 320 16.49 -1.99 8.82
CA ARG A 320 17.38 -1.03 8.14
C ARG A 320 18.61 -1.71 7.57
N ALA A 321 19.25 -2.60 8.34
CA ALA A 321 20.47 -3.25 7.87
C ALA A 321 20.12 -4.19 6.70
N MET A 322 18.98 -4.88 6.76
CA MET A 322 18.54 -5.65 5.58
C MET A 322 18.26 -4.72 4.35
N LEU A 323 17.64 -3.56 4.57
CA LEU A 323 17.33 -2.68 3.44
C LEU A 323 18.58 -2.02 2.86
N ASP A 324 19.57 -1.77 3.72
CA ASP A 324 20.82 -1.15 3.25
C ASP A 324 21.53 -2.15 2.33
N GLN A 325 21.52 -3.43 2.72
CA GLN A 325 22.00 -4.51 1.87
C GLN A 325 21.27 -4.69 0.48
N LEU A 326 19.93 -4.71 0.50
CA LEU A 326 19.11 -4.73 -0.72
C LEU A 326 19.38 -3.51 -1.58
N SER A 327 19.50 -2.37 -0.92
CA SER A 327 19.76 -1.16 -1.60
C SER A 327 21.14 -1.20 -2.33
N ALA A 328 22.14 -1.78 -1.68
CA ALA A 328 23.44 -2.04 -2.26
C ALA A 328 23.35 -2.99 -3.45
N GLU A 329 22.61 -4.10 -3.31
CA GLU A 329 22.55 -5.09 -4.39
C GLU A 329 21.85 -4.52 -5.63
N THR A 330 20.88 -3.63 -5.41
CA THR A 330 20.00 -3.24 -6.50
C THR A 330 20.32 -1.85 -7.04
N GLY A 331 21.06 -1.03 -6.27
CA GLY A 331 21.18 0.41 -6.51
C GLY A 331 19.94 1.25 -6.25
N ARG A 332 18.91 0.73 -5.60
CA ARG A 332 17.72 1.55 -5.36
C ARG A 332 17.75 2.09 -3.96
N LYS A 333 17.04 3.19 -3.75
CA LYS A 333 16.79 3.72 -2.43
C LYS A 333 15.55 2.97 -1.83
N TYR A 334 15.70 2.38 -0.66
CA TYR A 334 14.58 1.74 0.03
C TYR A 334 14.29 2.53 1.27
N GLU A 335 13.01 2.63 1.61
CA GLU A 335 12.54 3.36 2.76
C GLU A 335 12.05 2.41 3.89
N LEU A 336 12.30 2.81 5.14
CA LEU A 336 11.70 2.11 6.28
C LEU A 336 10.85 3.11 7.05
N THR A 337 9.56 2.80 7.25
CA THR A 337 8.68 3.69 7.93
C THR A 337 7.85 2.92 8.93
N SER A 338 7.11 3.65 9.73
CA SER A 338 6.27 2.99 10.72
C SER A 338 5.08 3.87 11.05
N ALA A 339 3.87 3.33 11.03
CA ALA A 339 2.69 4.07 11.59
C ALA A 339 2.59 3.82 13.11
N ILE A 340 2.42 4.89 13.89
CA ILE A 340 2.55 4.75 15.36
C ILE A 340 1.38 5.40 16.11
N SER A 341 1.09 4.93 17.32
CA SER A 341 0.13 5.65 18.15
C SER A 341 0.57 7.14 18.33
N ALA A 342 -0.39 8.07 18.27
CA ALA A 342 -0.14 9.47 18.63
C ALA A 342 -0.42 9.77 20.12
N GLY A 343 -0.83 8.76 20.87
CA GLY A 343 -1.05 8.94 22.33
C GLY A 343 0.28 8.95 23.04
N LYS A 344 0.51 9.98 23.85
CA LYS A 344 1.72 10.04 24.71
C LYS A 344 1.90 8.77 25.55
N ASP A 345 0.84 8.16 26.01
CA ASP A 345 1.02 6.95 26.84
C ASP A 345 1.62 5.77 26.04
N LYS A 346 1.26 5.64 24.76
CA LYS A 346 1.88 4.62 23.90
C LYS A 346 3.24 5.07 23.40
N ILE A 347 3.40 6.37 23.08
CA ILE A 347 4.68 6.91 22.62
C ILE A 347 5.81 6.68 23.62
N ASP A 348 5.47 6.81 24.89
CA ASP A 348 6.52 6.67 25.91
C ASP A 348 6.95 5.23 26.20
N LYS A 349 6.34 4.28 25.48
CA LYS A 349 6.81 2.90 25.55
C LYS A 349 7.98 2.59 24.64
N VAL A 350 8.36 3.56 23.80
CA VAL A 350 9.37 3.31 22.77
C VAL A 350 10.36 4.42 22.76
N ALA A 351 11.66 4.09 22.60
CA ALA A 351 12.67 5.13 22.39
C ALA A 351 12.79 5.50 20.89
N TYR A 352 11.86 6.34 20.43
CA TYR A 352 11.87 6.82 19.03
C TYR A 352 13.06 7.67 18.72
N ASN A 353 13.66 8.29 19.74
CA ASN A 353 14.86 9.05 19.48
C ASN A 353 16.01 8.12 19.15
N VAL A 354 15.95 6.86 19.60
CA VAL A 354 16.91 5.86 19.11
C VAL A 354 16.44 5.24 17.77
N ALA A 355 15.17 4.82 17.69
CA ALA A 355 14.73 4.15 16.43
C ALA A 355 14.74 5.06 15.20
N GLN A 356 14.59 6.38 15.38
CA GLN A 356 14.56 7.29 14.22
C GLN A 356 15.81 7.18 13.39
N ASN A 357 16.92 6.79 14.00
CA ASN A 357 18.17 6.53 13.26
C ASN A 357 18.07 5.41 12.19
N SER A 358 17.09 4.52 12.32
CA SER A 358 16.90 3.50 11.31
C SER A 358 15.80 3.90 10.30
N MET A 359 15.02 4.92 10.61
CA MET A 359 13.77 5.13 9.93
C MET A 359 13.79 6.36 9.06
N ASP A 360 13.13 6.27 7.90
CA ASP A 360 12.93 7.44 7.03
C ASP A 360 11.82 8.35 7.51
N HIS A 361 10.69 7.76 7.92
CA HIS A 361 9.54 8.54 8.31
C HIS A 361 8.81 7.80 9.42
N ILE A 362 8.16 8.60 10.26
CA ILE A 362 7.24 8.12 11.29
C ILE A 362 5.87 8.66 10.93
N PHE A 363 4.95 7.74 10.65
CA PHE A 363 3.59 8.14 10.36
C PHE A 363 2.79 8.27 11.66
N LEU A 364 2.68 9.47 12.18
CA LEU A 364 1.92 9.69 13.40
C LEU A 364 0.40 9.53 13.24
N MET A 365 -0.19 8.48 13.85
CA MET A 365 -1.64 8.25 13.66
C MET A 365 -2.46 9.20 14.51
N SER A 366 -2.38 10.47 14.15
CA SER A 366 -3.11 11.54 14.86
C SER A 366 -4.60 11.57 14.45
N TYR A 367 -5.31 10.47 14.72
CA TYR A 367 -6.73 10.30 14.46
C TYR A 367 -7.24 9.18 15.39
N ASP A 368 -8.53 8.84 15.35
CA ASP A 368 -9.13 7.85 16.28
C ASP A 368 -8.90 8.22 17.73
N PHE A 369 -8.73 9.50 18.03
CA PHE A 369 -8.58 9.97 19.44
C PHE A 369 -9.82 9.70 20.27
N TYR A 370 -11.00 9.76 19.63
CA TYR A 370 -12.29 9.52 20.26
C TYR A 370 -13.15 8.84 19.24
N GLY A 371 -14.24 8.24 19.70
CA GLY A 371 -15.11 7.50 18.75
C GLY A 371 -16.15 6.66 19.48
N ALA A 372 -16.95 5.91 18.74
CA ALA A 372 -18.03 5.13 19.39
C ALA A 372 -17.56 3.93 20.27
N PHE A 373 -16.24 3.70 20.36
CA PHE A 373 -15.64 2.75 21.32
C PHE A 373 -15.71 3.23 22.79
N ASP A 374 -15.97 4.53 22.97
CA ASP A 374 -16.25 5.14 24.26
C ASP A 374 -17.50 6.06 24.12
N LEU A 375 -18.62 5.63 24.73
CA LEU A 375 -19.91 6.36 24.66
C LEU A 375 -19.97 7.48 25.70
N LYS A 376 -19.01 7.49 26.63
CA LYS A 376 -19.09 8.35 27.79
C LYS A 376 -18.24 9.61 27.61
N ASN A 377 -17.03 9.45 27.10
CA ASN A 377 -16.13 10.59 26.91
C ASN A 377 -16.03 10.97 25.41
N LEU A 378 -16.69 12.08 25.06
CA LEU A 378 -16.77 12.46 23.64
C LEU A 378 -15.72 13.52 23.32
N GLY A 379 -15.26 13.55 22.08
CA GLY A 379 -14.20 14.51 21.73
C GLY A 379 -13.94 14.57 20.25
N HIS A 380 -13.06 15.47 19.87
CA HIS A 380 -12.63 15.56 18.47
C HIS A 380 -11.67 14.39 18.15
N GLN A 381 -11.97 13.58 17.14
CA GLN A 381 -11.21 12.33 16.83
C GLN A 381 -9.84 12.60 16.19
N THR A 382 -9.62 13.78 15.60
CA THR A 382 -8.38 14.01 14.86
C THR A 382 -7.90 15.47 14.96
N ALA A 383 -8.31 16.16 16.02
CA ALA A 383 -8.00 17.64 16.15
C ALA A 383 -6.53 17.97 16.25
N LEU A 384 -6.20 19.20 15.84
CA LEU A 384 -4.85 19.67 16.04
C LEU A 384 -4.60 19.92 17.54
N ASN A 385 -5.51 20.70 18.15
CA ASN A 385 -5.31 21.19 19.52
C ASN A 385 -6.44 20.71 20.44
N ALA A 386 -6.30 20.98 21.74
CA ALA A 386 -7.47 20.79 22.65
C ALA A 386 -8.51 21.87 22.33
N PRO A 387 -9.78 21.55 22.56
CA PRO A 387 -10.85 22.53 22.47
C PRO A 387 -10.92 23.46 23.70
N ALA A 388 -11.64 24.58 23.55
CA ALA A 388 -11.80 25.58 24.63
C ALA A 388 -12.48 24.99 25.87
N TRP A 389 -13.45 24.10 25.70
CA TRP A 389 -14.09 23.52 26.87
C TRP A 389 -13.24 22.54 27.71
N LYS A 390 -12.12 22.02 27.16
CA LYS A 390 -11.24 21.05 27.87
C LYS A 390 -9.79 21.21 27.43
N PRO A 391 -9.15 22.32 27.84
CA PRO A 391 -7.81 22.64 27.32
C PRO A 391 -6.71 21.59 27.70
N ASP A 392 -7.06 20.67 28.60
CA ASP A 392 -6.11 19.68 29.09
C ASP A 392 -6.37 18.29 28.43
N THR A 393 -7.23 18.26 27.42
CA THR A 393 -7.46 17.07 26.57
C THR A 393 -6.11 16.37 26.28
N ALA A 394 -6.04 15.07 26.61
CA ALA A 394 -4.80 14.30 26.46
C ALA A 394 -4.53 14.06 24.97
N TYR A 395 -5.54 13.53 24.28
CA TYR A 395 -5.40 12.99 22.95
C TYR A 395 -5.63 14.06 21.85
N THR A 396 -4.53 14.75 21.49
CA THR A 396 -4.50 15.74 20.38
C THR A 396 -3.24 15.54 19.52
N THR A 397 -3.28 16.08 18.32
CA THR A 397 -2.16 15.93 17.39
C THR A 397 -0.89 16.51 18.01
N VAL A 398 -1.03 17.75 18.51
CA VAL A 398 0.10 18.48 19.08
C VAL A 398 0.69 17.71 20.29
N ASN A 399 -0.15 17.08 21.11
CA ASN A 399 0.43 16.37 22.23
C ASN A 399 1.30 15.17 21.77
N GLY A 400 0.89 14.51 20.68
CA GLY A 400 1.70 13.43 20.11
C GLY A 400 2.98 13.93 19.51
N VAL A 401 2.91 14.97 18.68
CA VAL A 401 4.12 15.57 18.11
C VAL A 401 5.05 16.00 19.26
N ASN A 402 4.54 16.70 20.27
CA ASN A 402 5.44 17.18 21.34
C ASN A 402 6.08 16.03 22.15
N ALA A 403 5.30 14.95 22.37
CA ALA A 403 5.86 13.74 23.01
C ALA A 403 7.09 13.22 22.24
N LEU A 404 7.01 13.17 20.92
CA LEU A 404 8.15 12.70 20.08
C LEU A 404 9.30 13.69 20.13
N LEU A 405 8.98 14.98 19.95
CA LEU A 405 9.99 16.06 20.00
C LEU A 405 10.72 16.08 21.33
N THR A 406 10.01 15.79 22.41
CA THR A 406 10.59 15.77 23.76
C THR A 406 11.53 14.57 23.93
N GLN A 407 11.23 13.45 23.25
CA GLN A 407 12.12 12.30 23.32
C GLN A 407 13.44 12.61 22.66
N GLY A 408 13.42 13.59 21.74
CA GLY A 408 14.57 13.97 20.90
C GLY A 408 14.41 13.48 19.44
N VAL A 409 13.19 13.09 19.04
CA VAL A 409 12.93 12.89 17.59
C VAL A 409 13.13 14.15 16.75
N LYS A 410 13.81 14.03 15.62
CA LYS A 410 13.95 15.13 14.71
C LYS A 410 12.62 15.49 14.03
N PRO A 411 12.31 16.80 13.95
CA PRO A 411 11.01 17.25 13.42
C PRO A 411 10.74 16.73 11.99
N GLY A 412 11.75 16.66 11.15
CA GLY A 412 11.61 16.23 9.76
C GLY A 412 11.18 14.77 9.55
N LYS A 413 11.29 13.94 10.60
CA LYS A 413 10.92 12.50 10.55
C LYS A 413 9.42 12.31 10.66
N ILE A 414 8.74 13.32 11.20
CA ILE A 414 7.39 13.19 11.70
C ILE A 414 6.34 13.60 10.64
N VAL A 415 5.47 12.66 10.29
CA VAL A 415 4.45 12.87 9.29
C VAL A 415 3.11 12.83 10.05
N VAL A 416 2.36 13.92 9.93
CA VAL A 416 1.14 14.13 10.72
C VAL A 416 0.01 13.47 9.96
N GLY A 417 -0.83 12.77 10.70
CA GLY A 417 -1.96 12.06 10.14
C GLY A 417 -3.25 12.85 10.01
N THR A 418 -3.94 12.65 8.87
CA THR A 418 -5.28 13.21 8.65
C THR A 418 -6.27 12.07 8.38
N ALA A 419 -7.51 12.24 8.82
CA ALA A 419 -8.53 11.25 8.57
C ALA A 419 -9.40 11.62 7.38
N MET A 420 -9.62 10.66 6.52
CA MET A 420 -10.58 10.78 5.42
C MET A 420 -11.91 10.11 5.79
N TYR A 421 -12.24 10.12 7.07
CA TYR A 421 -13.44 9.49 7.56
C TYR A 421 -13.80 10.21 8.85
N GLY A 422 -15.06 10.14 9.26
CA GLY A 422 -15.42 10.58 10.58
C GLY A 422 -15.77 9.41 11.50
N ARG A 423 -15.66 9.66 12.80
CA ARG A 423 -16.23 8.77 13.79
C ARG A 423 -17.43 9.48 14.42
N GLY A 424 -18.44 8.74 14.86
CA GLY A 424 -19.54 9.41 15.55
C GLY A 424 -20.43 8.52 16.38
N TRP A 425 -21.32 9.22 17.08
CA TRP A 425 -22.22 8.70 18.08
C TRP A 425 -23.67 9.00 17.67
N THR A 426 -24.59 8.21 18.19
CA THR A 426 -26.00 8.52 18.06
C THR A 426 -26.51 8.75 19.47
N GLY A 427 -27.68 9.39 19.56
CA GLY A 427 -28.31 9.71 20.83
C GLY A 427 -27.55 10.58 21.79
N VAL A 428 -26.64 11.42 21.31
CA VAL A 428 -25.92 12.34 22.24
C VAL A 428 -26.91 13.25 23.00
N ASN A 429 -26.72 13.40 24.32
CA ASN A 429 -27.71 14.05 25.21
C ASN A 429 -27.00 14.52 26.47
N GLY A 430 -27.62 15.41 27.23
CA GLY A 430 -27.03 15.87 28.48
C GLY A 430 -25.82 16.74 28.29
N TYR A 431 -25.72 17.39 27.12
CA TYR A 431 -24.64 18.33 26.87
C TYR A 431 -25.04 19.73 27.32
N GLN A 432 -24.05 20.58 27.57
CA GLN A 432 -24.31 21.97 27.98
C GLN A 432 -23.65 23.01 27.07
N ASN A 433 -24.12 24.25 27.21
CA ASN A 433 -23.61 25.38 26.46
C ASN A 433 -23.52 25.17 24.94
N ASN A 434 -24.48 24.43 24.40
CA ASN A 434 -24.58 24.08 22.96
C ASN A 434 -23.38 23.30 22.37
N ILE A 435 -22.60 22.66 23.24
CA ILE A 435 -21.46 21.82 22.81
C ILE A 435 -21.79 20.34 23.00
N PRO A 436 -22.21 19.63 21.95
CA PRO A 436 -22.59 18.22 22.11
C PRO A 436 -21.52 17.29 22.76
N PHE A 437 -20.23 17.57 22.53
CA PHE A 437 -19.13 16.79 23.12
C PHE A 437 -19.12 16.71 24.68
N THR A 438 -19.77 17.67 25.35
CA THR A 438 -19.87 17.66 26.82
C THR A 438 -20.92 16.66 27.31
N GLY A 439 -21.66 16.02 26.40
CA GLY A 439 -22.67 15.06 26.81
C GLY A 439 -22.16 13.62 26.81
N THR A 440 -23.11 12.68 26.69
CA THR A 440 -22.80 11.27 26.58
C THR A 440 -23.67 10.70 25.45
N ALA A 441 -23.29 9.57 24.88
CA ALA A 441 -23.99 8.97 23.72
C ALA A 441 -24.69 7.65 24.06
N THR A 442 -25.61 7.16 23.24
CA THR A 442 -26.21 5.86 23.54
C THR A 442 -25.78 4.74 22.60
N GLY A 443 -24.93 5.05 21.63
CA GLY A 443 -24.52 4.10 20.61
C GLY A 443 -23.67 4.78 19.53
N PRO A 444 -23.22 3.99 18.56
CA PRO A 444 -22.46 4.49 17.41
C PRO A 444 -23.39 5.14 16.35
N VAL A 445 -22.83 6.04 15.54
CA VAL A 445 -23.61 6.58 14.42
C VAL A 445 -23.71 5.44 13.39
N LYS A 446 -24.78 5.41 12.60
CA LYS A 446 -24.89 4.51 11.47
C LYS A 446 -23.73 4.83 10.50
N GLY A 447 -22.93 3.82 10.14
CA GLY A 447 -21.70 4.10 9.42
C GLY A 447 -21.85 3.76 7.96
N THR A 448 -20.86 4.13 7.16
CA THR A 448 -20.88 3.75 5.76
C THR A 448 -20.70 2.25 5.54
N TRP A 449 -19.64 1.69 6.15
CA TRP A 449 -19.30 0.27 6.04
C TRP A 449 -19.39 -0.49 7.37
N GLU A 450 -19.14 0.18 8.48
CA GLU A 450 -19.33 -0.36 9.81
C GLU A 450 -19.74 0.75 10.76
N ASN A 451 -20.40 0.35 11.84
CA ASN A 451 -20.95 1.27 12.82
C ASN A 451 -19.91 2.23 13.32
N GLY A 452 -20.32 3.47 13.53
CA GLY A 452 -19.46 4.44 14.23
C GLY A 452 -18.43 5.14 13.34
N ILE A 453 -18.49 4.87 12.04
CA ILE A 453 -17.46 5.38 11.11
C ILE A 453 -18.10 5.75 9.79
N VAL A 454 -17.82 6.95 9.28
CA VAL A 454 -18.44 7.43 8.01
C VAL A 454 -17.34 7.90 7.02
N ASP A 455 -17.31 7.38 5.80
CA ASP A 455 -16.39 7.93 4.77
C ASP A 455 -16.54 9.46 4.69
N TYR A 456 -15.42 10.19 4.58
CA TYR A 456 -15.51 11.62 4.30
C TYR A 456 -16.45 11.89 3.07
N ARG A 457 -16.38 11.06 2.01
CA ARG A 457 -17.29 11.24 0.86
C ARG A 457 -18.74 11.39 1.33
N GLN A 458 -19.20 10.55 2.30
CA GLN A 458 -20.62 10.53 2.72
C GLN A 458 -20.98 11.72 3.63
N ILE A 459 -20.03 12.14 4.47
CA ILE A 459 -20.20 13.32 5.28
C ILE A 459 -20.47 14.50 4.35
N ALA A 460 -19.59 14.71 3.34
CA ALA A 460 -19.74 15.86 2.47
C ALA A 460 -21.03 15.77 1.64
N SER A 461 -21.38 14.60 1.18
CA SER A 461 -22.52 14.50 0.31
C SER A 461 -23.88 14.38 1.04
N GLN A 462 -23.91 13.80 2.26
CA GLN A 462 -25.19 13.53 2.93
C GLN A 462 -25.42 14.35 4.20
N PHE A 463 -24.33 14.77 4.85
CA PHE A 463 -24.45 15.36 6.20
C PHE A 463 -24.12 16.83 6.26
N MET A 464 -24.15 17.51 5.12
CA MET A 464 -23.91 18.94 5.14
C MET A 464 -25.09 19.70 4.56
N SER A 465 -26.30 19.20 4.88
CA SER A 465 -27.57 19.81 4.47
C SER A 465 -28.69 19.35 5.42
N GLY A 466 -29.90 19.84 5.23
CA GLY A 466 -31.01 19.52 6.12
C GLY A 466 -30.79 19.94 7.57
N GLU A 467 -31.13 19.04 8.48
CA GLU A 467 -31.07 19.35 9.91
C GLU A 467 -29.66 19.46 10.50
N TRP A 468 -28.64 18.99 9.77
CA TRP A 468 -27.25 18.94 10.28
C TRP A 468 -26.64 20.30 10.51
N GLN A 469 -26.38 20.58 11.76
CA GLN A 469 -25.64 21.72 12.17
C GLN A 469 -24.16 21.47 11.72
N TYR A 470 -23.43 22.49 11.29
CA TYR A 470 -22.01 22.35 10.96
C TYR A 470 -21.24 23.37 11.78
N THR A 471 -20.20 22.94 12.48
CA THR A 471 -19.37 23.88 13.23
C THR A 471 -17.91 23.61 12.96
N TYR A 472 -17.12 24.66 12.76
CA TYR A 472 -15.69 24.50 12.73
C TYR A 472 -15.17 25.11 14.02
N ASP A 473 -14.59 24.27 14.89
CA ASP A 473 -13.93 24.70 16.11
C ASP A 473 -12.51 25.21 15.77
N ALA A 474 -12.31 26.53 15.84
CA ALA A 474 -11.05 27.11 15.44
C ALA A 474 -9.96 27.04 16.51
N THR A 475 -10.35 26.72 17.74
CA THR A 475 -9.36 26.48 18.80
C THR A 475 -8.72 25.09 18.59
N ALA A 476 -9.57 24.07 18.42
CA ALA A 476 -9.08 22.71 18.28
C ALA A 476 -8.53 22.52 16.88
N GLU A 477 -9.08 23.30 15.92
CA GLU A 477 -8.92 23.10 14.45
C GLU A 477 -9.64 21.82 13.99
N ALA A 478 -10.96 21.82 14.05
CA ALA A 478 -11.72 20.55 13.97
C ALA A 478 -13.15 20.81 13.62
N PRO A 479 -13.64 20.24 12.51
CA PRO A 479 -15.05 20.37 12.23
C PRO A 479 -15.87 19.25 12.86
N TYR A 480 -17.19 19.49 12.94
CA TYR A 480 -18.16 18.52 13.40
C TYR A 480 -19.57 18.88 12.93
N VAL A 481 -20.36 17.85 12.68
CA VAL A 481 -21.74 18.03 12.31
C VAL A 481 -22.60 17.38 13.39
N PHE A 482 -23.80 17.94 13.60
CA PHE A 482 -24.68 17.48 14.66
C PHE A 482 -26.14 17.57 14.25
N LYS A 483 -26.86 16.46 14.41
CA LYS A 483 -28.29 16.45 14.14
C LYS A 483 -28.96 16.34 15.50
N PRO A 484 -29.51 17.45 16.06
CA PRO A 484 -30.01 17.33 17.48
C PRO A 484 -31.22 16.42 17.66
N SER A 485 -32.07 16.27 16.63
CA SER A 485 -33.28 15.49 16.82
C SER A 485 -33.01 14.01 17.11
N THR A 486 -31.98 13.42 16.49
CA THR A 486 -31.56 12.05 16.78
C THR A 486 -30.33 12.05 17.66
N GLY A 487 -29.74 13.22 17.89
CA GLY A 487 -28.48 13.31 18.62
C GLY A 487 -27.27 12.66 17.91
N ASP A 488 -27.27 12.65 16.58
CA ASP A 488 -26.13 12.12 15.83
C ASP A 488 -25.00 13.15 15.77
N LEU A 489 -23.79 12.72 16.12
CA LEU A 489 -22.62 13.61 16.20
C LEU A 489 -21.46 12.98 15.44
N ILE A 490 -20.85 13.70 14.49
CA ILE A 490 -19.70 13.14 13.70
C ILE A 490 -18.53 14.10 13.74
N THR A 491 -17.37 13.56 14.13
CA THR A 491 -16.12 14.29 14.20
C THR A 491 -15.17 13.80 13.08
N PHE A 492 -14.53 14.73 12.37
CA PHE A 492 -13.88 14.37 11.13
C PHE A 492 -12.85 15.45 10.74
N ASP A 493 -12.11 15.24 9.65
CA ASP A 493 -11.21 16.30 9.14
C ASP A 493 -11.92 16.89 7.93
N ASP A 494 -11.71 18.18 7.68
CA ASP A 494 -12.21 18.75 6.43
C ASP A 494 -11.11 19.58 5.78
N ALA A 495 -11.41 20.26 4.66
CA ALA A 495 -10.35 20.96 3.97
C ALA A 495 -9.67 21.95 4.92
N ARG A 496 -10.46 22.61 5.75
CA ARG A 496 -9.88 23.58 6.67
C ARG A 496 -9.01 23.01 7.81
N SER A 497 -9.44 21.93 8.46
CA SER A 497 -8.61 21.33 9.55
C SER A 497 -7.35 20.75 8.92
N VAL A 498 -7.50 20.19 7.70
CA VAL A 498 -6.30 19.72 7.00
C VAL A 498 -5.35 20.87 6.70
N GLN A 499 -5.89 22.04 6.32
CA GLN A 499 -5.05 23.24 6.05
C GLN A 499 -4.33 23.66 7.34
N ALA A 500 -5.03 23.62 8.47
CA ALA A 500 -4.37 23.89 9.78
C ALA A 500 -3.22 22.92 10.04
N LYS A 501 -3.46 21.63 9.80
CA LYS A 501 -2.41 20.62 9.99
C LYS A 501 -1.21 20.90 9.09
N GLY A 502 -1.48 21.23 7.81
CA GLY A 502 -0.43 21.49 6.84
C GLY A 502 0.40 22.71 7.17
N LYS A 503 -0.27 23.78 7.59
CA LYS A 503 0.39 25.01 8.04
C LYS A 503 1.27 24.71 9.25
N TYR A 504 0.73 23.93 10.19
CA TYR A 504 1.48 23.54 11.38
C TYR A 504 2.73 22.75 11.02
N VAL A 505 2.61 21.81 10.08
CA VAL A 505 3.78 21.04 9.60
C VAL A 505 4.86 21.97 9.02
N LEU A 506 4.44 22.94 8.22
CA LEU A 506 5.41 23.89 7.69
C LEU A 506 6.08 24.74 8.80
N ASP A 507 5.28 25.24 9.73
CA ASP A 507 5.78 26.05 10.86
C ASP A 507 6.77 25.27 11.71
N LYS A 508 6.47 24.00 11.96
CA LYS A 508 7.26 23.23 12.91
C LYS A 508 8.35 22.42 12.20
N GLN A 509 8.46 22.60 10.87
CA GLN A 509 9.44 21.89 10.04
C GLN A 509 9.31 20.34 10.14
N LEU A 510 8.07 19.89 10.23
CA LEU A 510 7.79 18.45 10.26
C LEU A 510 7.90 17.86 8.85
N GLY A 511 7.68 16.54 8.72
CA GLY A 511 7.95 15.91 7.43
C GLY A 511 6.87 15.98 6.37
N GLY A 512 5.61 16.17 6.76
CA GLY A 512 4.54 16.26 5.78
C GLY A 512 3.25 15.73 6.36
N LEU A 513 2.35 15.27 5.49
CA LEU A 513 1.08 14.70 5.93
C LEU A 513 0.75 13.31 5.33
N PHE A 514 -0.02 12.49 6.04
CA PHE A 514 -0.51 11.23 5.44
C PHE A 514 -1.94 11.04 5.88
N SER A 515 -2.65 10.12 5.24
CA SER A 515 -4.08 9.93 5.48
C SER A 515 -4.49 8.47 5.44
N TRP A 516 -5.56 8.17 6.16
CA TRP A 516 -6.21 6.88 6.13
C TRP A 516 -7.66 7.19 5.83
N GLU A 517 -8.28 6.63 4.78
CA GLU A 517 -7.72 5.77 3.76
C GLU A 517 -8.23 6.36 2.43
N ILE A 518 -7.45 6.20 1.36
CA ILE A 518 -7.68 6.94 0.11
C ILE A 518 -9.08 6.75 -0.52
N ASP A 519 -9.71 5.56 -0.35
CA ASP A 519 -10.99 5.32 -1.01
C ASP A 519 -12.10 6.18 -0.46
N ALA A 520 -11.89 6.71 0.76
CA ALA A 520 -12.96 7.42 1.48
C ALA A 520 -13.03 8.93 1.16
N ASP A 521 -12.02 9.49 0.51
CA ASP A 521 -11.97 10.91 0.17
C ASP A 521 -12.78 11.20 -1.13
N ASN A 522 -13.36 12.39 -1.29
CA ASN A 522 -13.95 12.80 -2.62
C ASN A 522 -12.94 13.68 -3.41
N GLY A 523 -11.78 13.90 -2.79
CA GLY A 523 -10.72 14.74 -3.31
C GLY A 523 -10.46 15.95 -2.43
N ASP A 524 -11.45 16.38 -1.66
CA ASP A 524 -11.25 17.54 -0.79
C ASP A 524 -10.07 17.35 0.14
N ILE A 525 -9.96 16.18 0.78
CA ILE A 525 -8.97 16.05 1.84
C ILE A 525 -7.57 16.06 1.20
N LEU A 526 -7.39 15.25 0.14
CA LEU A 526 -6.09 15.18 -0.49
C LEU A 526 -5.71 16.51 -1.18
N ASN A 527 -6.70 17.21 -1.79
CA ASN A 527 -6.40 18.56 -2.37
C ASN A 527 -5.83 19.47 -1.31
N SER A 528 -6.49 19.47 -0.14
CA SER A 528 -6.03 20.30 0.95
C SER A 528 -4.66 19.90 1.54
N MET A 529 -4.37 18.60 1.64
CA MET A 529 -3.01 18.18 2.07
C MET A 529 -1.98 18.75 1.12
N ASN A 530 -2.23 18.64 -0.17
CA ASN A 530 -1.25 19.16 -1.16
C ASN A 530 -1.08 20.68 -1.10
N ALA A 531 -2.20 21.41 -1.12
CA ALA A 531 -2.18 22.87 -1.12
C ALA A 531 -1.50 23.44 0.13
N SER A 532 -1.90 22.91 1.28
CA SER A 532 -1.47 23.45 2.56
C SER A 532 0.00 23.14 2.83
N LEU A 533 0.56 22.16 2.12
CA LEU A 533 1.98 21.86 2.30
C LEU A 533 2.82 22.67 1.29
N GLY A 534 2.11 23.41 0.43
CA GLY A 534 2.74 24.33 -0.50
C GLY A 534 3.06 23.69 -1.84
N ASN A 535 2.44 22.57 -2.18
CA ASN A 535 2.58 22.03 -3.53
C ASN A 535 1.90 22.95 -4.61
N SER A 536 2.52 23.14 -5.76
CA SER A 536 1.95 23.95 -6.83
C SER A 536 0.82 23.23 -7.57
N ALA A 537 -0.21 23.99 -7.93
CA ALA A 537 -1.29 23.47 -8.74
C ALA A 537 -0.81 23.11 -10.15
N GLY A 538 -1.46 22.16 -10.83
CA GLY A 538 -1.56 22.19 -12.31
C GLY A 538 -1.13 20.94 -13.05
C1 DIO B . 7.85 -16.36 -3.33
C2 DIO B . 8.77 -17.06 -1.27
C1' DIO B . 6.94 -17.51 -2.89
C2' DIO B . 8.67 -18.54 -1.64
O1 DIO B . 8.95 -16.22 -2.43
O1' DIO B . 7.77 -18.65 -2.76
C1 DIO C . -12.63 -14.23 -4.23
C2 DIO C . -14.46 -13.05 -5.26
C1' DIO C . -12.90 -13.42 -2.98
C2' DIO C . -14.98 -12.54 -3.92
O1 DIO C . -13.81 -14.31 -5.05
O1' DIO C . -14.32 -13.24 -2.85
C1 DIO D . -8.74 -8.08 5.78
C2 DIO D . -10.11 -6.65 7.14
C1' DIO D . -7.63 -7.84 6.83
C2' DIO D . -9.25 -6.90 8.38
O1 DIO D . -10.07 -7.80 6.27
O1' DIO D . -8.12 -7.78 8.18
C1 DIO E . 17.52 7.29 8.56
C2 DIO E . 17.29 7.68 6.20
C1' DIO E . 18.70 6.34 8.28
C2' DIO E . 18.50 6.77 5.93
O1 DIO E . 17.39 8.25 7.50
O1' DIO E . 18.61 5.79 6.96
C1 DIO F . 10.48 13.96 1.03
C2 DIO F . 9.44 14.39 -1.15
C1' DIO F . 9.67 12.68 0.96
C2' DIO F . 9.29 12.91 -1.45
O1 DIO F . 10.55 14.61 -0.26
O1' DIO F . 9.71 12.09 -0.34
C1 PEG G . 1.78 -13.37 -34.93
O1 PEG G . 2.55 -14.05 -33.91
C2 PEG G . 1.25 -14.47 -35.83
O2 PEG G . 1.82 -14.34 -37.12
C3 PEG G . 0.99 -14.92 -38.16
C4 PEG G . 0.94 -13.97 -39.37
O4 PEG G . 2.20 -13.64 -40.03
C1 PEG H . -4.53 6.80 18.14
O1 PEG H . -3.22 7.25 17.71
C2 PEG H . -4.78 5.46 17.44
O2 PEG H . -5.04 5.66 16.03
C3 PEG H . -5.13 4.49 15.15
C4 PEG H . -6.01 3.32 15.67
O4 PEG H . -5.57 2.01 15.21
C1 NGT I . -5.28 3.02 11.44
C2 NGT I . -4.95 1.51 11.60
C3 NGT I . -6.01 0.71 10.80
C4 NGT I . -7.47 1.23 11.03
C5 NGT I . -7.61 2.76 10.81
C6 NGT I . -8.99 3.39 11.12
C7 NGT I . -3.31 2.32 10.15
C8 NGT I . -2.11 2.18 9.31
N2 NGT I . -3.72 1.33 10.83
S1 NGT I . -4.22 3.72 10.21
O3 NGT I . -5.85 -0.73 10.90
O4 NGT I . -8.39 0.76 10.03
O5 NGT I . -6.65 3.47 11.57
O6 NGT I . -9.20 3.44 12.52
C1 NAG J . -8.97 -0.53 10.28
C2 NAG J . -10.38 -0.46 9.64
C3 NAG J . -11.07 -1.83 9.64
C4 NAG J . -10.13 -3.02 9.33
C5 NAG J . -8.73 -2.87 9.95
C6 NAG J . -7.68 -3.92 9.57
C7 NAG J . -11.54 1.78 9.51
C8 NAG J . -12.34 2.85 10.22
N2 NAG J . -11.17 0.67 10.20
O3 NAG J . -12.02 -1.82 8.63
O4 NAG J . -10.78 -4.19 9.79
O5 NAG J . -8.22 -1.58 9.68
O6 NAG J . -6.53 -3.55 10.29
O7 NAG J . -11.30 2.01 8.34
#